data_7MQT
#
_entry.id   7MQT
#
_cell.length_a   76.437
_cell.length_b   173.454
_cell.length_c   44.040
_cell.angle_alpha   90.000
_cell.angle_beta   90.000
_cell.angle_gamma   90.000
#
_symmetry.space_group_name_H-M   'P 21 21 2'
#
loop_
_entity.id
_entity.type
_entity.pdbx_description
1 polymer 'N-acetylmannosamine-6-phosphate 2-epimerase'
2 non-polymer 2-acetamido-2,5-dideoxy-6-O-phosphono-D-lyxo-hexose
3 non-polymer 'CITRIC ACID'
4 non-polymer 'CHLORIDE ION'
5 water water
#
_entity_poly.entity_id   1
_entity_poly.type   'polypeptide(L)'
_entity_poly.pdbx_seq_one_letter_code
;MLPHGLIVSCQALPDEPLHSSFIMSKMALAAYEGGAVGIRANTKEDILAIKETVDLPVIGIVKRDYDHSDVFITATSKEV
DELIESQCEVIALDATLQQRPKETLDELVSYIRTHAPNVEIMADIATVEEAKNAARLGFDYIGTTLHGYTSYTQGQLLYQ
NDFQFLKDVLQSVDAKVIAEGNVITPDMYKRVMDLGVHCSVVGGAITRPKEITKRFVQIMED
;
_entity_poly.pdbx_strand_id   AAA,BBB
#
loop_
_chem_comp.id
_chem_comp.type
_chem_comp.name
_chem_comp.formula
CIT non-polymer 'CITRIC ACID' 'C6 H8 O7'
CL non-polymer 'CHLORIDE ION' 'Cl -1'
ZM1 non-polymer 2-acetamido-2,5-dideoxy-6-O-phosphono-D-lyxo-hexose 'C8 H16 N O8 P'
#
# COMPACT_ATOMS: atom_id res chain seq x y z
N MET A 1 -2.23 24.73 -11.15
CA MET A 1 -3.54 24.11 -10.76
C MET A 1 -3.38 22.58 -10.75
N LEU A 2 -4.22 21.92 -9.97
CA LEU A 2 -4.24 20.45 -9.93
C LEU A 2 -4.78 19.93 -11.25
N PRO A 3 -4.09 18.96 -11.89
CA PRO A 3 -4.67 18.29 -13.03
C PRO A 3 -5.86 17.43 -12.60
N HIS A 4 -6.59 16.97 -13.59
CA HIS A 4 -7.57 15.89 -13.40
C HIS A 4 -6.75 14.65 -13.07
N GLY A 5 -7.26 13.79 -12.21
CA GLY A 5 -6.65 12.46 -11.99
C GLY A 5 -6.52 12.18 -10.52
N LEU A 6 -5.47 11.44 -10.18
CA LEU A 6 -5.31 10.81 -8.87
C LEU A 6 -4.29 11.60 -8.07
N ILE A 7 -4.75 12.06 -6.90
N ILE A 7 -4.74 12.07 -6.90
CA ILE A 7 -3.95 12.67 -5.83
CA ILE A 7 -3.88 12.70 -5.86
C ILE A 7 -3.74 11.57 -4.79
C ILE A 7 -3.73 11.68 -4.73
N VAL A 8 -2.50 11.31 -4.39
CA VAL A 8 -2.23 10.33 -3.33
C VAL A 8 -1.88 11.09 -2.06
N SER A 9 -2.65 10.78 -1.02
CA SER A 9 -2.44 11.33 0.33
C SER A 9 -1.36 10.48 0.99
N CYS A 10 -0.27 11.12 1.35
CA CYS A 10 0.90 10.46 1.93
C CYS A 10 1.03 10.99 3.35
N GLN A 11 0.20 10.46 4.23
CA GLN A 11 0.15 10.89 5.63
C GLN A 11 0.43 9.69 6.54
N ALA A 12 1.11 9.98 7.62
CA ALA A 12 1.34 8.98 8.67
C ALA A 12 1.60 9.78 9.93
N LEU A 13 0.58 9.83 10.77
CA LEU A 13 0.64 10.60 12.03
C LEU A 13 1.51 9.86 13.04
N PRO A 14 1.89 10.57 14.12
CA PRO A 14 2.68 9.98 15.19
C PRO A 14 2.06 8.65 15.59
N ASP A 15 2.89 7.66 15.87
CA ASP A 15 2.42 6.31 16.30
C ASP A 15 1.89 5.47 15.13
N GLU A 16 1.65 6.01 13.94
CA GLU A 16 1.32 5.15 12.77
C GLU A 16 2.64 4.55 12.32
N PRO A 17 2.63 3.32 11.79
CA PRO A 17 3.87 2.63 11.43
C PRO A 17 4.81 3.44 10.52
N LEU A 18 4.29 4.14 9.51
CA LEU A 18 5.13 4.77 8.48
C LEU A 18 5.43 6.23 8.87
N HIS A 19 5.06 6.68 10.07
CA HIS A 19 5.32 8.07 10.53
C HIS A 19 6.80 8.46 10.32
N SER A 20 7.02 9.47 9.49
CA SER A 20 8.36 9.88 9.05
C SER A 20 8.22 10.73 7.81
N SER A 21 8.75 11.96 7.83
CA SER A 21 8.84 12.85 6.66
C SER A 21 9.52 12.11 5.51
N PHE A 22 10.60 11.43 5.84
N PHE A 22 10.59 11.41 5.80
CA PHE A 22 11.45 10.64 4.92
CA PHE A 22 11.43 10.76 4.76
C PHE A 22 10.60 9.59 4.21
C PHE A 22 10.64 9.56 4.19
N ILE A 23 9.92 8.78 5.01
CA ILE A 23 9.12 7.66 4.46
C ILE A 23 8.01 8.27 3.58
N MET A 24 7.37 9.35 4.04
CA MET A 24 6.27 9.95 3.25
C MET A 24 6.84 10.45 1.92
N SER A 25 8.06 10.97 1.93
CA SER A 25 8.72 11.39 0.66
C SER A 25 8.83 10.21 -0.30
N LYS A 26 9.08 9.01 0.21
N LYS A 26 9.07 9.00 0.19
CA LYS A 26 9.30 7.79 -0.59
CA LYS A 26 9.28 7.81 -0.67
C LYS A 26 7.94 7.26 -1.06
C LYS A 26 7.93 7.24 -1.07
N MET A 27 6.92 7.36 -0.22
CA MET A 27 5.54 7.02 -0.58
C MET A 27 5.13 7.93 -1.73
N ALA A 28 5.49 9.21 -1.68
CA ALA A 28 5.12 10.18 -2.72
C ALA A 28 5.84 9.86 -4.03
N LEU A 29 7.13 9.53 -3.96
CA LEU A 29 7.87 9.10 -5.16
C LEU A 29 7.17 7.87 -5.77
N ALA A 30 6.75 6.94 -4.93
CA ALA A 30 6.08 5.71 -5.41
C ALA A 30 4.81 6.10 -6.13
N ALA A 31 4.04 6.99 -5.53
CA ALA A 31 2.78 7.49 -6.14
C ALA A 31 3.08 8.16 -7.50
N TYR A 32 4.08 9.03 -7.53
CA TYR A 32 4.55 9.71 -8.76
C TYR A 32 4.87 8.67 -9.84
N GLU A 33 5.64 7.65 -9.47
CA GLU A 33 6.08 6.64 -10.44
C GLU A 33 4.90 5.78 -10.88
N GLY A 34 3.83 5.67 -10.11
CA GLY A 34 2.64 4.93 -10.56
C GLY A 34 1.63 5.75 -11.35
N GLY A 35 1.83 7.08 -11.48
CA GLY A 35 0.98 7.96 -12.31
C GLY A 35 0.10 8.93 -11.53
N ALA A 36 0.33 9.15 -10.24
CA ALA A 36 -0.33 10.23 -9.46
C ALA A 36 0.00 11.59 -10.09
N VAL A 37 -0.96 12.51 -10.00
CA VAL A 37 -0.82 13.88 -10.53
C VAL A 37 -0.65 14.87 -9.39
N GLY A 38 -0.72 14.41 -8.15
CA GLY A 38 -0.51 15.29 -7.01
C GLY A 38 -0.38 14.46 -5.75
N ILE A 39 -0.06 15.16 -4.68
CA ILE A 39 0.16 14.57 -3.35
C ILE A 39 -0.61 15.40 -2.35
N ARG A 40 -1.22 14.75 -1.37
CA ARG A 40 -1.71 15.44 -0.17
C ARG A 40 -0.85 15.01 1.02
N ALA A 41 -0.40 15.98 1.80
CA ALA A 41 0.57 15.73 2.87
C ALA A 41 0.33 16.67 4.03
N ASN A 42 0.83 16.23 5.17
CA ASN A 42 0.55 16.79 6.52
C ASN A 42 1.85 17.20 7.19
N THR A 43 1.91 18.47 7.62
CA THR A 43 3.02 19.19 8.29
C THR A 43 3.99 19.75 7.26
N LYS A 44 4.53 20.90 7.61
CA LYS A 44 5.57 21.55 6.82
C LYS A 44 6.72 20.57 6.53
N GLU A 45 7.17 19.79 7.50
CA GLU A 45 8.38 18.93 7.35
C GLU A 45 8.09 17.81 6.34
N ASP A 46 6.90 17.21 6.37
CA ASP A 46 6.56 16.12 5.43
C ASP A 46 6.50 16.76 4.04
N ILE A 47 5.90 17.93 3.93
CA ILE A 47 5.73 18.60 2.60
C ILE A 47 7.14 18.90 2.05
N LEU A 48 8.04 19.45 2.87
CA LEU A 48 9.38 19.85 2.38
C LEU A 48 10.15 18.60 1.93
N ALA A 49 10.05 17.51 2.68
CA ALA A 49 10.72 16.23 2.34
C ALA A 49 10.14 15.74 1.00
N ILE A 50 8.81 15.74 0.88
CA ILE A 50 8.15 15.28 -0.35
C ILE A 50 8.63 16.14 -1.52
N LYS A 51 8.76 17.45 -1.32
CA LYS A 51 9.12 18.38 -2.41
C LYS A 51 10.57 18.19 -2.80
N GLU A 52 11.35 17.46 -2.02
CA GLU A 52 12.74 17.07 -2.39
CA GLU A 52 12.75 17.11 -2.42
C GLU A 52 12.71 15.86 -3.32
N THR A 53 11.70 14.97 -3.23
N THR A 53 11.65 15.06 -3.34
CA THR A 53 11.64 13.75 -4.06
CA THR A 53 11.69 13.77 -4.09
C THR A 53 10.91 14.04 -5.39
C THR A 53 10.74 13.81 -5.30
N VAL A 54 9.77 14.73 -5.32
CA VAL A 54 8.83 14.86 -6.46
C VAL A 54 8.52 16.34 -6.64
N ASP A 55 8.22 16.72 -7.87
CA ASP A 55 7.79 18.10 -8.19
C ASP A 55 6.27 18.12 -8.34
N LEU A 56 5.55 17.01 -8.07
CA LEU A 56 4.06 17.02 -8.08
C LEU A 56 3.55 18.13 -7.19
N PRO A 57 2.42 18.76 -7.54
CA PRO A 57 1.80 19.75 -6.67
C PRO A 57 1.28 19.02 -5.45
N VAL A 58 1.44 19.71 -4.35
CA VAL A 58 1.11 19.18 -3.02
C VAL A 58 -0.06 19.99 -2.47
N ILE A 59 -1.05 19.27 -1.97
CA ILE A 59 -2.11 19.84 -1.09
C ILE A 59 -1.58 19.68 0.34
N GLY A 60 -1.25 20.79 1.00
CA GLY A 60 -0.67 20.80 2.36
C GLY A 60 -1.72 21.07 3.41
N ILE A 61 -1.64 20.36 4.52
CA ILE A 61 -2.44 20.61 5.73
C ILE A 61 -1.50 20.54 6.93
N VAL A 62 -1.93 21.09 8.05
CA VAL A 62 -1.32 20.73 9.35
C VAL A 62 -2.41 20.25 10.27
N LYS A 63 -2.37 18.96 10.61
CA LYS A 63 -3.26 18.38 11.61
C LYS A 63 -2.64 18.70 12.97
N ARG A 64 -3.30 19.57 13.72
CA ARG A 64 -2.85 19.96 15.07
C ARG A 64 -4.08 20.18 15.94
N ASP A 65 -4.16 19.49 17.08
CA ASP A 65 -5.27 19.62 18.05
C ASP A 65 -5.09 20.90 18.85
N TYR A 66 -6.18 21.61 19.08
CA TYR A 66 -6.22 22.81 19.95
C TYR A 66 -7.22 22.54 21.05
N ASP A 67 -6.89 22.98 22.26
CA ASP A 67 -7.89 23.00 23.37
C ASP A 67 -9.12 23.81 22.90
N HIS A 68 -10.29 23.29 23.21
CA HIS A 68 -11.62 23.96 23.09
C HIS A 68 -11.99 24.13 21.60
N SER A 69 -11.45 23.28 20.72
CA SER A 69 -11.81 23.25 19.28
C SER A 69 -11.76 21.80 18.76
N ASP A 70 -12.74 21.40 17.97
CA ASP A 70 -12.71 20.09 17.24
C ASP A 70 -12.14 20.34 15.84
N VAL A 71 -11.75 21.57 15.51
CA VAL A 71 -11.11 21.86 14.19
C VAL A 71 -9.62 21.50 14.32
N PHE A 72 -9.13 20.55 13.52
CA PHE A 72 -7.71 20.11 13.62
C PHE A 72 -7.04 20.19 12.25
N ILE A 73 -7.78 20.33 11.16
CA ILE A 73 -7.14 20.46 9.82
C ILE A 73 -6.87 21.94 9.53
N THR A 74 -5.64 22.38 9.77
CA THR A 74 -5.19 23.77 9.51
C THR A 74 -6.16 24.72 10.26
N ALA A 75 -6.15 24.69 11.60
CA ALA A 75 -7.11 25.35 12.51
C ALA A 75 -6.92 26.86 12.56
N THR A 76 -5.68 27.35 12.49
CA THR A 76 -5.30 28.76 12.75
C THR A 76 -4.22 29.25 11.79
N SER A 77 -3.93 30.55 11.86
CA SER A 77 -2.90 31.21 11.04
C SER A 77 -1.53 30.60 11.33
N LYS A 78 -1.32 30.02 12.49
CA LYS A 78 -0.02 29.35 12.81
C LYS A 78 0.18 28.19 11.81
N GLU A 79 -0.84 27.37 11.58
CA GLU A 79 -0.71 26.26 10.63
C GLU A 79 -0.62 26.85 9.23
N VAL A 80 -1.40 27.88 8.91
CA VAL A 80 -1.33 28.50 7.57
C VAL A 80 0.11 28.97 7.33
N ASP A 81 0.71 29.67 8.30
CA ASP A 81 2.08 30.20 8.13
C ASP A 81 3.07 29.05 7.88
N GLU A 82 2.93 27.94 8.61
CA GLU A 82 3.78 26.73 8.37
C GLU A 82 3.63 26.28 6.92
N LEU A 83 2.41 26.25 6.40
CA LEU A 83 2.13 25.79 5.02
C LEU A 83 2.61 26.79 3.99
N ILE A 84 2.52 28.09 4.26
CA ILE A 84 3.10 29.11 3.35
C ILE A 84 4.61 28.85 3.24
N GLU A 85 5.25 28.57 4.37
CA GLU A 85 6.72 28.29 4.43
C GLU A 85 7.02 27.01 3.66
N SER A 86 6.14 26.01 3.70
CA SER A 86 6.25 24.70 2.99
C SER A 86 6.27 24.89 1.46
N GLN A 87 5.66 25.98 0.99
N GLN A 87 5.68 25.97 0.96
CA GLN A 87 5.45 26.32 -0.46
CA GLN A 87 5.54 26.24 -0.50
C GLN A 87 4.60 25.25 -1.16
C GLN A 87 4.57 25.27 -1.18
N CYS A 88 3.77 24.51 -0.43
CA CYS A 88 2.75 23.62 -1.05
C CYS A 88 1.88 24.48 -1.98
N GLU A 89 1.46 23.90 -3.09
CA GLU A 89 0.73 24.62 -4.13
C GLU A 89 -0.73 24.88 -3.71
N VAL A 90 -1.26 24.04 -2.83
CA VAL A 90 -2.68 24.11 -2.39
C VAL A 90 -2.64 23.98 -0.87
N ILE A 91 -3.30 24.89 -0.18
CA ILE A 91 -3.53 24.83 1.29
C ILE A 91 -4.95 24.35 1.50
N ALA A 92 -5.08 23.21 2.17
CA ALA A 92 -6.37 22.67 2.60
C ALA A 92 -6.57 23.01 4.08
N LEU A 93 -7.80 23.29 4.43
CA LEU A 93 -8.20 23.59 5.81
C LEU A 93 -9.64 23.10 5.98
N ASP A 94 -9.95 22.64 7.17
CA ASP A 94 -11.35 22.48 7.64
C ASP A 94 -12.10 23.77 7.27
N ALA A 95 -13.18 23.66 6.50
CA ALA A 95 -14.05 24.80 6.11
C ALA A 95 -15.45 24.59 6.66
N THR A 96 -15.56 23.93 7.83
CA THR A 96 -16.80 23.94 8.65
C THR A 96 -16.92 25.27 9.37
N LEU A 97 -18.08 25.49 9.99
CA LEU A 97 -18.36 26.70 10.79
C LEU A 97 -18.28 26.30 12.25
N GLN A 98 -17.61 25.19 12.53
CA GLN A 98 -17.34 24.79 13.92
C GLN A 98 -16.48 25.87 14.57
N GLN A 99 -16.42 25.84 15.90
CA GLN A 99 -15.64 26.83 16.66
C GLN A 99 -14.15 26.59 16.42
N ARG A 100 -13.43 27.60 15.97
CA ARG A 100 -11.95 27.57 15.82
C ARG A 100 -11.25 28.22 17.01
N PRO A 101 -9.96 27.90 17.24
CA PRO A 101 -9.23 28.50 18.34
C PRO A 101 -8.97 30.00 18.19
N LYS A 102 -8.86 30.52 16.98
CA LYS A 102 -8.39 31.92 16.77
C LYS A 102 -9.14 32.55 15.60
N GLU A 103 -8.55 32.67 14.42
CA GLU A 103 -9.25 33.23 13.26
C GLU A 103 -10.47 32.37 12.92
N THR A 104 -11.48 33.00 12.32
CA THR A 104 -12.64 32.35 11.69
C THR A 104 -12.24 31.82 10.32
N LEU A 105 -13.07 30.99 9.71
CA LEU A 105 -12.83 30.51 8.34
C LEU A 105 -12.66 31.71 7.39
N ASP A 106 -13.57 32.69 7.47
CA ASP A 106 -13.49 33.90 6.59
C ASP A 106 -12.12 34.56 6.77
N GLU A 107 -11.65 34.68 7.99
CA GLU A 107 -10.36 35.37 8.31
C GLU A 107 -9.20 34.53 7.76
N LEU A 108 -9.33 33.19 7.72
CA LEU A 108 -8.19 32.33 7.31
C LEU A 108 -8.13 32.41 5.78
N VAL A 109 -9.29 32.43 5.16
CA VAL A 109 -9.33 32.59 3.68
C VAL A 109 -8.70 33.93 3.29
N SER A 110 -9.10 35.03 3.93
CA SER A 110 -8.53 36.39 3.67
CA SER A 110 -8.53 36.38 3.63
C SER A 110 -7.02 36.37 3.92
N TYR A 111 -6.62 35.76 5.03
CA TYR A 111 -5.20 35.63 5.44
C TYR A 111 -4.39 34.98 4.31
N ILE A 112 -4.90 33.85 3.75
CA ILE A 112 -4.19 33.10 2.69
C ILE A 112 -4.16 33.92 1.41
N ARG A 113 -5.25 34.57 1.03
CA ARG A 113 -5.31 35.38 -0.21
C ARG A 113 -4.33 36.57 -0.09
N THR A 114 -4.18 37.12 1.10
CA THR A 114 -3.29 38.29 1.38
C THR A 114 -1.83 37.83 1.43
N HIS A 115 -1.53 36.81 2.22
CA HIS A 115 -0.13 36.42 2.53
C HIS A 115 0.42 35.45 1.48
N ALA A 116 -0.39 34.68 0.76
CA ALA A 116 0.09 33.66 -0.21
C ALA A 116 -0.78 33.75 -1.45
N PRO A 117 -0.74 34.89 -2.16
CA PRO A 117 -1.67 35.10 -3.27
C PRO A 117 -1.49 34.09 -4.41
N ASN A 118 -0.36 33.38 -4.48
CA ASN A 118 -0.14 32.42 -5.60
C ASN A 118 -0.57 31.02 -5.18
N VAL A 119 -1.02 30.83 -3.96
CA VAL A 119 -1.40 29.49 -3.45
C VAL A 119 -2.88 29.27 -3.76
N GLU A 120 -3.27 28.07 -4.14
CA GLU A 120 -4.71 27.74 -4.26
C GLU A 120 -5.17 27.21 -2.92
N ILE A 121 -6.47 27.27 -2.66
CA ILE A 121 -7.05 26.79 -1.38
C ILE A 121 -8.10 25.73 -1.65
N MET A 122 -8.19 24.85 -0.70
CA MET A 122 -9.07 23.69 -0.71
C MET A 122 -9.82 23.66 0.61
N ALA A 123 -11.13 23.50 0.49
CA ALA A 123 -12.09 23.46 1.60
C ALA A 123 -12.38 22.00 1.90
N ASP A 124 -11.98 21.53 3.07
CA ASP A 124 -12.39 20.20 3.57
C ASP A 124 -13.77 20.40 4.23
N ILE A 125 -14.83 19.85 3.64
CA ILE A 125 -16.20 20.01 4.19
C ILE A 125 -16.82 18.65 4.48
N ALA A 126 -17.93 18.68 5.23
CA ALA A 126 -18.72 17.50 5.65
C ALA A 126 -20.15 17.57 5.11
N THR A 127 -20.66 18.76 4.76
CA THR A 127 -22.05 18.94 4.28
C THR A 127 -22.13 19.77 3.01
N VAL A 128 -23.23 19.59 2.28
CA VAL A 128 -23.51 20.36 1.05
C VAL A 128 -23.47 21.84 1.39
N GLU A 129 -24.05 22.26 2.51
CA GLU A 129 -24.11 23.73 2.77
C GLU A 129 -22.73 24.27 3.12
N GLU A 130 -21.89 23.48 3.81
CA GLU A 130 -20.48 23.88 3.98
C GLU A 130 -19.83 24.02 2.59
N ALA A 131 -20.11 23.10 1.68
CA ALA A 131 -19.53 23.14 0.31
C ALA A 131 -19.97 24.45 -0.34
N LYS A 132 -21.25 24.80 -0.25
CA LYS A 132 -21.77 26.01 -0.92
C LYS A 132 -21.14 27.25 -0.31
N ASN A 133 -20.96 27.26 1.00
CA ASN A 133 -20.31 28.36 1.73
C ASN A 133 -18.87 28.49 1.21
N ALA A 134 -18.19 27.37 1.03
CA ALA A 134 -16.80 27.35 0.55
C ALA A 134 -16.73 27.96 -0.85
N ALA A 135 -17.67 27.58 -1.71
CA ALA A 135 -17.75 28.06 -3.11
C ALA A 135 -17.93 29.57 -3.05
N ARG A 136 -18.78 30.04 -2.15
CA ARG A 136 -19.02 31.49 -2.01
C ARG A 136 -17.73 32.20 -1.58
N LEU A 137 -16.95 31.61 -0.66
CA LEU A 137 -15.68 32.18 -0.18
C LEU A 137 -14.58 32.15 -1.24
N GLY A 138 -14.83 31.54 -2.39
CA GLY A 138 -13.87 31.55 -3.51
C GLY A 138 -12.82 30.47 -3.37
N PHE A 139 -13.16 29.39 -2.69
CA PHE A 139 -12.23 28.22 -2.60
C PHE A 139 -12.02 27.73 -4.02
N ASP A 140 -10.76 27.43 -4.33
CA ASP A 140 -10.34 26.80 -5.60
C ASP A 140 -10.87 25.36 -5.67
N TYR A 141 -10.86 24.63 -4.56
CA TYR A 141 -11.26 23.22 -4.56
C TYR A 141 -12.15 23.02 -3.35
N ILE A 142 -13.13 22.16 -3.51
CA ILE A 142 -14.00 21.75 -2.39
C ILE A 142 -13.93 20.24 -2.29
N GLY A 143 -13.40 19.76 -1.15
CA GLY A 143 -13.23 18.32 -0.94
C GLY A 143 -14.23 17.80 0.06
N THR A 144 -14.62 16.55 -0.12
CA THR A 144 -15.56 15.85 0.74
C THR A 144 -14.89 15.30 1.99
N THR A 145 -13.66 15.70 2.25
CA THR A 145 -12.74 15.17 3.28
C THR A 145 -13.42 14.86 4.63
N LEU A 146 -14.26 15.75 5.14
CA LEU A 146 -14.71 15.68 6.56
C LEU A 146 -16.08 15.00 6.64
N HIS A 147 -16.64 14.58 5.50
CA HIS A 147 -17.95 13.87 5.43
C HIS A 147 -17.76 12.50 6.12
N GLY A 148 -18.39 12.32 7.28
CA GLY A 148 -18.24 11.11 8.13
C GLY A 148 -17.23 11.35 9.24
N TYR A 149 -16.59 12.52 9.31
CA TYR A 149 -15.51 12.75 10.30
C TYR A 149 -15.79 14.03 11.09
N THR A 150 -17.05 14.38 11.24
CA THR A 150 -17.48 15.41 12.20
C THR A 150 -18.57 14.77 13.05
N SER A 151 -18.82 15.33 14.22
CA SER A 151 -19.79 14.80 15.21
C SER A 151 -21.15 14.74 14.56
N TYR A 152 -21.40 15.54 13.53
CA TYR A 152 -22.74 15.72 12.94
C TYR A 152 -22.86 14.93 11.62
N THR A 153 -21.82 14.22 11.19
CA THR A 153 -21.93 13.36 9.97
C THR A 153 -21.49 11.94 10.33
N GLN A 154 -21.58 11.55 11.60
CA GLN A 154 -21.15 10.22 12.08
C GLN A 154 -21.85 9.12 11.31
N GLY A 155 -21.10 8.13 10.84
CA GLY A 155 -21.66 6.97 10.12
C GLY A 155 -21.91 7.25 8.64
N GLN A 156 -21.68 8.47 8.17
CA GLN A 156 -21.90 8.77 6.74
C GLN A 156 -20.57 8.51 6.04
N LEU A 157 -20.62 7.85 4.90
CA LEU A 157 -19.40 7.49 4.16
C LEU A 157 -19.65 7.93 2.73
N LEU A 158 -18.63 8.52 2.13
CA LEU A 158 -18.74 9.10 0.78
C LEU A 158 -19.47 8.16 -0.16
N TYR A 159 -19.14 6.87 -0.16
CA TYR A 159 -19.64 5.93 -1.19
C TYR A 159 -21.12 5.56 -0.97
N GLN A 160 -21.68 5.85 0.20
CA GLN A 160 -23.04 5.37 0.55
C GLN A 160 -24.06 5.85 -0.48
N ASN A 161 -24.97 4.95 -0.82
CA ASN A 161 -26.09 5.19 -1.76
C ASN A 161 -25.53 5.70 -3.08
N ASP A 162 -24.56 4.98 -3.63
CA ASP A 162 -23.90 5.33 -4.91
C ASP A 162 -23.46 6.79 -4.91
N PHE A 163 -22.77 7.21 -3.86
CA PHE A 163 -22.07 8.53 -3.82
C PHE A 163 -23.10 9.66 -3.82
N GLN A 164 -24.26 9.45 -3.19
CA GLN A 164 -25.33 10.48 -3.21
C GLN A 164 -24.78 11.82 -2.71
N PHE A 165 -24.05 11.83 -1.59
CA PHE A 165 -23.50 13.06 -1.00
C PHE A 165 -22.60 13.77 -2.02
N LEU A 166 -21.80 13.01 -2.74
CA LEU A 166 -20.91 13.57 -3.76
C LEU A 166 -21.74 14.17 -4.89
N LYS A 167 -22.74 13.44 -5.37
CA LYS A 167 -23.70 13.95 -6.40
C LYS A 167 -24.32 15.28 -5.94
N ASP A 168 -24.72 15.36 -4.66
CA ASP A 168 -25.37 16.58 -4.10
C ASP A 168 -24.36 17.73 -4.07
N VAL A 169 -23.12 17.48 -3.64
CA VAL A 169 -22.07 18.53 -3.67
C VAL A 169 -21.86 18.97 -5.14
N LEU A 170 -21.72 18.02 -6.06
CA LEU A 170 -21.41 18.37 -7.47
C LEU A 170 -22.55 19.22 -8.05
N GLN A 171 -23.79 18.91 -7.66
CA GLN A 171 -24.99 19.61 -8.14
C GLN A 171 -25.00 21.02 -7.53
N SER A 172 -24.46 21.23 -6.33
CA SER A 172 -24.70 22.48 -5.57
CA SER A 172 -24.66 22.45 -5.51
C SER A 172 -23.59 23.50 -5.79
N VAL A 173 -22.47 23.12 -6.39
CA VAL A 173 -21.38 24.11 -6.59
C VAL A 173 -20.82 24.01 -7.99
N ASP A 174 -20.29 25.12 -8.49
CA ASP A 174 -19.62 25.13 -9.81
C ASP A 174 -18.12 25.00 -9.59
N ALA A 175 -17.64 25.16 -8.38
CA ALA A 175 -16.20 25.04 -8.07
C ALA A 175 -15.70 23.61 -8.37
N LYS A 176 -14.40 23.46 -8.50
CA LYS A 176 -13.77 22.13 -8.67
C LYS A 176 -14.01 21.33 -7.39
N VAL A 177 -14.58 20.15 -7.52
CA VAL A 177 -14.85 19.26 -6.38
C VAL A 177 -13.80 18.14 -6.37
N ILE A 178 -13.37 17.78 -5.18
CA ILE A 178 -12.42 16.66 -4.97
C ILE A 178 -13.14 15.62 -4.11
N ALA A 179 -13.28 14.43 -4.66
CA ALA A 179 -13.70 13.22 -3.93
C ALA A 179 -12.53 12.84 -3.04
N GLU A 180 -12.68 13.04 -1.75
CA GLU A 180 -11.66 12.72 -0.76
C GLU A 180 -12.32 12.14 0.49
N GLY A 181 -11.77 11.02 0.94
CA GLY A 181 -12.29 10.28 2.10
C GLY A 181 -13.11 9.09 1.67
N ASN A 182 -12.62 7.90 1.97
CA ASN A 182 -13.27 6.59 1.68
C ASN A 182 -13.40 6.34 0.18
N VAL A 183 -12.41 6.77 -0.60
CA VAL A 183 -12.23 6.29 -1.99
C VAL A 183 -11.26 5.12 -1.87
N ILE A 184 -11.82 3.92 -1.75
CA ILE A 184 -11.16 2.69 -1.23
C ILE A 184 -10.60 1.83 -2.37
N THR A 185 -11.20 1.87 -3.56
CA THR A 185 -10.90 0.94 -4.67
C THR A 185 -10.80 1.74 -5.96
N PRO A 186 -10.08 1.20 -6.97
CA PRO A 186 -10.15 1.69 -8.35
C PRO A 186 -11.58 1.86 -8.84
N ASP A 187 -12.50 0.96 -8.51
CA ASP A 187 -13.89 1.08 -9.00
C ASP A 187 -14.52 2.37 -8.44
N MET A 188 -14.32 2.65 -7.16
CA MET A 188 -14.80 3.89 -6.49
C MET A 188 -14.16 5.10 -7.16
N TYR A 189 -12.86 5.02 -7.46
CA TYR A 189 -12.13 6.15 -8.09
C TYR A 189 -12.76 6.41 -9.45
N LYS A 190 -12.97 5.35 -10.22
CA LYS A 190 -13.62 5.50 -11.55
C LYS A 190 -15.01 6.13 -11.38
N ARG A 191 -15.78 5.67 -10.40
CA ARG A 191 -17.18 6.15 -10.23
C ARG A 191 -17.15 7.67 -9.93
N VAL A 192 -16.31 8.12 -9.00
CA VAL A 192 -16.27 9.56 -8.62
C VAL A 192 -15.83 10.41 -9.81
N MET A 193 -14.83 9.93 -10.55
CA MET A 193 -14.38 10.62 -11.77
C MET A 193 -15.53 10.67 -12.79
N ASP A 194 -16.24 9.58 -13.03
CA ASP A 194 -17.36 9.58 -14.00
C ASP A 194 -18.46 10.52 -13.52
N LEU A 195 -18.63 10.70 -12.22
CA LEU A 195 -19.67 11.62 -11.68
C LEU A 195 -19.25 13.07 -11.88
N GLY A 196 -17.98 13.37 -12.17
CA GLY A 196 -17.55 14.72 -12.60
C GLY A 196 -16.66 15.44 -11.60
N VAL A 197 -16.08 14.75 -10.63
CA VAL A 197 -15.14 15.43 -9.71
C VAL A 197 -13.95 15.88 -10.56
N HIS A 198 -13.29 16.95 -10.14
CA HIS A 198 -12.04 17.40 -10.80
C HIS A 198 -10.94 16.34 -10.61
N CYS A 199 -10.75 15.88 -9.40
CA CYS A 199 -9.75 14.86 -9.08
C CYS A 199 -10.16 14.17 -7.80
N SER A 200 -9.50 13.08 -7.48
CA SER A 200 -9.79 12.29 -6.26
CA SER A 200 -9.78 12.28 -6.26
C SER A 200 -8.50 12.16 -5.45
N VAL A 201 -8.63 12.18 -4.13
CA VAL A 201 -7.53 11.99 -3.18
C VAL A 201 -7.78 10.59 -2.62
N VAL A 202 -6.81 9.73 -2.83
CA VAL A 202 -6.80 8.38 -2.24
C VAL A 202 -5.63 8.30 -1.26
N GLY A 203 -5.90 7.91 -0.03
CA GLY A 203 -4.86 7.81 1.00
C GLY A 203 -4.68 6.38 1.43
N GLY A 204 -5.52 5.96 2.36
CA GLY A 204 -5.40 4.64 3.04
C GLY A 204 -5.28 3.46 2.09
N ALA A 205 -5.98 3.48 0.95
CA ALA A 205 -5.98 2.38 -0.04
C ALA A 205 -4.60 2.24 -0.72
N ILE A 206 -3.75 3.25 -0.63
CA ILE A 206 -2.38 3.26 -1.26
C ILE A 206 -1.26 3.34 -0.22
N THR A 207 -1.40 4.20 0.79
CA THR A 207 -0.30 4.57 1.69
C THR A 207 -0.54 4.13 3.14
N ARG A 208 -1.54 3.30 3.43
CA ARG A 208 -1.72 2.80 4.80
C ARG A 208 -1.80 1.27 4.77
N PRO A 209 -0.65 0.59 4.69
CA PRO A 209 -0.62 -0.86 4.60
C PRO A 209 -1.42 -1.50 5.73
N LYS A 210 -1.50 -0.89 6.92
CA LYS A 210 -2.29 -1.51 8.02
CA LYS A 210 -2.29 -1.50 8.03
C LYS A 210 -3.76 -1.56 7.59
N GLU A 211 -4.26 -0.50 6.98
CA GLU A 211 -5.70 -0.45 6.63
CA GLU A 211 -5.69 -0.42 6.59
C GLU A 211 -5.95 -1.39 5.43
N ILE A 212 -5.01 -1.50 4.51
CA ILE A 212 -5.17 -2.42 3.35
C ILE A 212 -5.15 -3.83 3.89
N THR A 213 -4.20 -4.12 4.79
CA THR A 213 -4.10 -5.46 5.41
C THR A 213 -5.45 -5.80 6.05
N LYS A 214 -6.02 -4.87 6.81
CA LYS A 214 -7.32 -5.11 7.50
C LYS A 214 -8.41 -5.47 6.50
N ARG A 215 -8.43 -4.88 5.31
CA ARG A 215 -9.46 -5.21 4.30
CA ARG A 215 -9.46 -5.20 4.28
C ARG A 215 -9.28 -6.64 3.79
N PHE A 216 -8.03 -7.06 3.57
CA PHE A 216 -7.75 -8.46 3.21
C PHE A 216 -8.23 -9.34 4.35
N VAL A 217 -7.82 -9.06 5.58
CA VAL A 217 -8.17 -9.97 6.70
C VAL A 217 -9.69 -10.03 6.83
N GLN A 218 -10.39 -8.90 6.69
CA GLN A 218 -11.87 -8.79 6.97
C GLN A 218 -12.69 -9.67 6.02
N ILE A 219 -12.16 -9.92 4.82
N ILE A 219 -12.19 -9.94 4.81
CA ILE A 219 -12.89 -10.71 3.80
CA ILE A 219 -12.98 -10.72 3.81
C ILE A 219 -13.07 -12.13 4.36
C ILE A 219 -12.98 -12.20 4.23
N MET A 220 -12.15 -12.58 5.21
CA MET A 220 -12.21 -13.95 5.80
C MET A 220 -13.10 -13.94 7.04
N GLU A 221 -13.54 -12.79 7.53
CA GLU A 221 -14.17 -12.70 8.87
C GLU A 221 -15.65 -12.34 8.74
N ASP A 222 -16.14 -12.01 7.55
CA ASP A 222 -17.59 -11.80 7.30
C ASP A 222 -18.32 -13.09 7.67
N MET B 1 5.41 -23.33 12.98
CA MET B 1 4.78 -23.45 11.63
C MET B 1 4.00 -22.18 11.29
N LEU B 2 3.85 -21.90 10.00
CA LEU B 2 3.00 -20.78 9.54
C LEU B 2 1.57 -21.11 9.90
N PRO B 3 0.82 -20.16 10.49
CA PRO B 3 -0.62 -20.32 10.67
C PRO B 3 -1.30 -20.21 9.32
N HIS B 4 -2.57 -20.58 9.31
CA HIS B 4 -3.55 -20.21 8.28
C HIS B 4 -3.70 -18.68 8.32
N GLY B 5 -3.84 -18.07 7.16
CA GLY B 5 -4.26 -16.68 7.02
C GLY B 5 -3.37 -15.93 6.07
N LEU B 6 -3.17 -14.67 6.39
CA LEU B 6 -2.54 -13.72 5.45
C LEU B 6 -1.08 -13.53 5.84
N ILE B 7 -0.21 -13.87 4.89
N ILE B 7 -0.21 -13.81 4.87
CA ILE B 7 1.23 -13.51 4.90
CA ILE B 7 1.22 -13.47 4.96
C ILE B 7 1.41 -12.22 4.08
C ILE B 7 1.49 -12.26 4.07
N VAL B 8 2.03 -11.21 4.66
CA VAL B 8 2.31 -9.97 3.92
C VAL B 8 3.79 -9.94 3.54
N SER B 9 4.04 -9.83 2.24
CA SER B 9 5.38 -9.68 1.66
C SER B 9 5.76 -8.21 1.74
N CYS B 10 6.82 -7.91 2.44
CA CYS B 10 7.37 -6.56 2.68
C CYS B 10 8.71 -6.47 1.97
N GLN B 11 8.67 -6.27 0.66
CA GLN B 11 9.87 -6.21 -0.19
C GLN B 11 9.90 -4.91 -0.99
N ALA B 12 11.12 -4.43 -1.15
CA ALA B 12 11.43 -3.24 -1.93
C ALA B 12 12.86 -3.41 -2.40
N LEU B 13 13.04 -3.79 -3.65
CA LEU B 13 14.38 -4.10 -4.21
C LEU B 13 15.11 -2.77 -4.44
N PRO B 14 16.43 -2.77 -4.77
CA PRO B 14 17.22 -1.55 -4.85
C PRO B 14 16.67 -0.41 -5.69
N ASP B 15 15.98 -0.72 -6.77
CA ASP B 15 15.42 0.26 -7.74
CA ASP B 15 15.47 0.34 -7.67
C ASP B 15 14.09 0.82 -7.21
N GLU B 16 13.51 0.18 -6.21
CA GLU B 16 12.12 0.51 -5.83
C GLU B 16 12.15 1.66 -4.84
N PRO B 17 11.09 2.49 -4.81
CA PRO B 17 11.06 3.70 -3.98
C PRO B 17 11.29 3.43 -2.48
N LEU B 18 10.78 2.32 -1.97
CA LEU B 18 10.74 2.07 -0.51
C LEU B 18 11.94 1.21 -0.09
N HIS B 19 12.92 0.97 -0.96
CA HIS B 19 14.09 0.14 -0.63
C HIS B 19 14.71 0.63 0.69
N SER B 20 14.68 -0.19 1.72
CA SER B 20 15.10 0.20 3.09
C SER B 20 14.68 -0.88 4.07
N SER B 21 15.63 -1.42 4.84
CA SER B 21 15.32 -2.33 5.97
C SER B 21 14.35 -1.65 6.97
N PHE B 22 14.54 -0.35 7.25
CA PHE B 22 13.71 0.38 8.21
C PHE B 22 12.29 0.46 7.65
N ILE B 23 12.15 0.85 6.39
CA ILE B 23 10.77 0.99 5.85
C ILE B 23 10.12 -0.39 5.81
N MET B 24 10.82 -1.42 5.39
CA MET B 24 10.16 -2.75 5.30
C MET B 24 9.81 -3.21 6.73
N SER B 25 10.60 -2.87 7.75
CA SER B 25 10.25 -3.23 9.15
C SER B 25 8.91 -2.58 9.53
N LYS B 26 8.67 -1.36 9.04
CA LYS B 26 7.42 -0.63 9.34
C LYS B 26 6.26 -1.18 8.51
N MET B 27 6.49 -1.59 7.27
N MET B 27 6.50 -1.61 7.27
CA MET B 27 5.47 -2.29 6.48
CA MET B 27 5.46 -2.28 6.44
C MET B 27 5.05 -3.54 7.25
C MET B 27 5.08 -3.61 7.09
N ALA B 28 6.02 -4.24 7.84
CA ALA B 28 5.77 -5.51 8.58
C ALA B 28 4.98 -5.21 9.85
N LEU B 29 5.32 -4.12 10.53
CA LEU B 29 4.58 -3.66 11.72
C LEU B 29 3.15 -3.39 11.31
N ALA B 30 2.97 -2.65 10.23
CA ALA B 30 1.63 -2.30 9.73
C ALA B 30 0.83 -3.59 9.43
N ALA B 31 1.48 -4.57 8.81
CA ALA B 31 0.85 -5.85 8.42
C ALA B 31 0.41 -6.54 9.71
N TYR B 32 1.31 -6.59 10.68
CA TYR B 32 1.02 -7.20 12.00
C TYR B 32 -0.20 -6.56 12.63
N GLU B 33 -0.22 -5.23 12.71
CA GLU B 33 -1.29 -4.46 13.34
C GLU B 33 -2.59 -4.64 12.57
N GLY B 34 -2.49 -4.97 11.28
CA GLY B 34 -3.68 -5.19 10.45
C GLY B 34 -4.19 -6.61 10.52
N GLY B 35 -3.45 -7.51 11.15
CA GLY B 35 -3.93 -8.89 11.32
C GLY B 35 -3.20 -9.91 10.46
N ALA B 36 -2.03 -9.62 9.90
CA ALA B 36 -1.22 -10.64 9.22
C ALA B 36 -0.75 -11.71 10.22
N VAL B 37 -0.54 -12.92 9.75
CA VAL B 37 -0.04 -14.03 10.57
C VAL B 37 1.42 -14.31 10.23
N GLY B 38 1.97 -13.65 9.21
CA GLY B 38 3.38 -13.86 8.85
C GLY B 38 3.86 -12.77 7.90
N ILE B 39 5.14 -12.77 7.61
CA ILE B 39 5.86 -11.80 6.77
C ILE B 39 6.70 -12.61 5.79
N ARG B 40 6.69 -12.23 4.53
CA ARG B 40 7.74 -12.64 3.58
C ARG B 40 8.65 -11.42 3.39
N ALA B 41 9.96 -11.61 3.48
CA ALA B 41 10.93 -10.51 3.31
C ALA B 41 12.19 -11.01 2.63
N ASN B 42 12.96 -10.06 2.14
CA ASN B 42 14.08 -10.25 1.20
C ASN B 42 15.32 -9.59 1.78
N THR B 43 16.42 -10.36 1.87
CA THR B 43 17.75 -9.95 2.36
C THR B 43 17.79 -10.09 3.88
N LYS B 44 18.95 -10.50 4.35
CA LYS B 44 19.25 -10.64 5.78
C LYS B 44 18.97 -9.32 6.51
N GLU B 45 19.36 -8.18 5.96
N GLU B 45 19.35 -8.20 5.90
CA GLU B 45 19.21 -6.91 6.70
CA GLU B 45 19.25 -6.85 6.52
C GLU B 45 17.72 -6.58 6.88
C GLU B 45 17.77 -6.53 6.81
N ASP B 46 16.90 -6.75 5.83
CA ASP B 46 15.44 -6.52 5.98
C ASP B 46 14.89 -7.50 7.00
N ILE B 47 15.27 -8.76 6.89
CA ILE B 47 14.70 -9.80 7.77
C ILE B 47 15.05 -9.46 9.23
N LEU B 48 16.31 -9.12 9.52
CA LEU B 48 16.74 -8.85 10.94
C LEU B 48 15.97 -7.64 11.49
N ALA B 49 15.75 -6.63 10.66
CA ALA B 49 15.05 -5.39 11.04
C ALA B 49 13.60 -5.76 11.35
N ILE B 50 12.99 -6.60 10.50
CA ILE B 50 11.57 -7.03 10.68
C ILE B 50 11.48 -7.85 11.98
N LYS B 51 12.44 -8.74 12.19
CA LYS B 51 12.39 -9.70 13.32
C LYS B 51 12.66 -8.97 14.62
N GLU B 52 13.21 -7.76 14.59
CA GLU B 52 13.32 -6.94 15.84
C GLU B 52 12.06 -6.07 16.01
N THR B 53 11.21 -5.96 14.99
CA THR B 53 10.01 -5.09 15.02
C THR B 53 8.77 -5.93 15.37
N VAL B 54 8.67 -7.17 14.87
CA VAL B 54 7.48 -8.02 15.09
C VAL B 54 8.01 -9.44 15.35
N ASP B 55 7.21 -10.25 16.01
CA ASP B 55 7.56 -11.65 16.31
C ASP B 55 6.87 -12.61 15.32
N LEU B 56 6.08 -12.06 14.37
CA LEU B 56 5.49 -12.88 13.29
C LEU B 56 6.59 -13.72 12.64
N PRO B 57 6.26 -14.98 12.29
CA PRO B 57 7.19 -15.80 11.53
C PRO B 57 7.47 -15.14 10.17
N VAL B 58 8.72 -15.27 9.74
CA VAL B 58 9.20 -14.69 8.47
C VAL B 58 9.58 -15.82 7.52
N ILE B 59 9.03 -15.74 6.31
CA ILE B 59 9.56 -16.42 5.10
C ILE B 59 10.65 -15.52 4.53
N GLY B 60 11.89 -15.97 4.60
CA GLY B 60 13.03 -15.20 4.09
C GLY B 60 13.45 -15.70 2.73
N ILE B 61 13.85 -14.78 1.88
CA ILE B 61 14.54 -15.04 0.60
C ILE B 61 15.70 -14.07 0.51
N VAL B 62 16.59 -14.36 -0.42
CA VAL B 62 17.51 -13.35 -0.98
C VAL B 62 17.40 -13.41 -2.51
N LYS B 63 16.82 -12.36 -3.06
CA LYS B 63 16.82 -12.13 -4.51
C LYS B 63 18.19 -11.57 -4.88
N ARG B 64 18.91 -12.30 -5.71
CA ARG B 64 20.24 -11.89 -6.17
C ARG B 64 20.47 -12.56 -7.51
N ASP B 65 20.76 -11.74 -8.52
CA ASP B 65 20.91 -12.19 -9.91
C ASP B 65 22.30 -12.77 -10.03
N TYR B 66 22.42 -13.87 -10.77
CA TYR B 66 23.71 -14.49 -11.15
C TYR B 66 23.76 -14.62 -12.68
N ASP B 67 24.96 -14.55 -13.25
CA ASP B 67 25.19 -14.75 -14.71
C ASP B 67 24.92 -16.22 -15.01
N HIS B 68 24.34 -16.53 -16.15
CA HIS B 68 24.23 -17.93 -16.67
C HIS B 68 23.31 -18.77 -15.75
N SER B 69 22.35 -18.09 -15.10
CA SER B 69 21.21 -18.70 -14.39
C SER B 69 20.01 -17.74 -14.38
N ASP B 70 18.80 -18.27 -14.60
CA ASP B 70 17.53 -17.49 -14.48
C ASP B 70 16.99 -17.63 -13.06
N VAL B 71 17.67 -18.36 -12.20
CA VAL B 71 17.28 -18.55 -10.78
C VAL B 71 17.80 -17.33 -10.00
N PHE B 72 16.90 -16.56 -9.38
CA PHE B 72 17.34 -15.37 -8.62
C PHE B 72 16.76 -15.36 -7.20
N ILE B 73 15.83 -16.26 -6.86
CA ILE B 73 15.29 -16.35 -5.50
C ILE B 73 16.08 -17.41 -4.73
N THR B 74 16.95 -16.96 -3.85
CA THR B 74 17.80 -17.81 -2.98
C THR B 74 18.56 -18.81 -3.88
N ALA B 75 19.38 -18.31 -4.79
CA ALA B 75 19.96 -19.12 -5.89
C ALA B 75 20.99 -20.14 -5.38
N THR B 76 21.81 -19.79 -4.40
CA THR B 76 23.00 -20.57 -3.98
C THR B 76 23.13 -20.60 -2.46
N SER B 77 24.04 -21.43 -1.96
CA SER B 77 24.37 -21.58 -0.52
C SER B 77 24.75 -20.22 0.06
N LYS B 78 25.19 -19.27 -0.75
CA LYS B 78 25.57 -17.92 -0.22
C LYS B 78 24.31 -17.26 0.34
N GLU B 79 23.23 -17.28 -0.44
CA GLU B 79 21.92 -16.71 -0.01
C GLU B 79 21.39 -17.56 1.15
N VAL B 80 21.51 -18.88 1.07
CA VAL B 80 21.01 -19.75 2.15
C VAL B 80 21.71 -19.37 3.45
N ASP B 81 23.04 -19.16 3.41
CA ASP B 81 23.80 -18.85 4.66
C ASP B 81 23.30 -17.50 5.23
N GLU B 82 23.07 -16.51 4.36
CA GLU B 82 22.53 -15.20 4.79
C GLU B 82 21.20 -15.44 5.51
N LEU B 83 20.33 -16.31 4.97
CA LEU B 83 19.00 -16.57 5.58
C LEU B 83 19.17 -17.35 6.89
N ILE B 84 20.14 -18.26 6.95
CA ILE B 84 20.38 -18.98 8.23
C ILE B 84 20.80 -17.93 9.26
N GLU B 85 21.68 -17.01 8.89
CA GLU B 85 22.12 -15.94 9.83
C GLU B 85 20.90 -15.12 10.22
N SER B 86 19.95 -14.87 9.30
CA SER B 86 18.77 -14.01 9.55
C SER B 86 17.87 -14.60 10.64
N GLN B 87 17.90 -15.91 10.85
N GLN B 87 17.94 -15.92 10.83
CA GLN B 87 17.04 -16.63 11.83
CA GLN B 87 17.09 -16.73 11.74
C GLN B 87 15.58 -16.66 11.32
C GLN B 87 15.62 -16.62 11.33
N CYS B 88 15.31 -16.42 10.05
CA CYS B 88 13.91 -16.51 9.59
C CYS B 88 13.45 -17.95 9.78
N GLU B 89 12.18 -18.10 10.13
CA GLU B 89 11.50 -19.37 10.47
C GLU B 89 11.37 -20.25 9.22
N VAL B 90 11.20 -19.63 8.05
CA VAL B 90 11.02 -20.37 6.77
C VAL B 90 12.00 -19.80 5.78
N ILE B 91 12.73 -20.66 5.08
CA ILE B 91 13.59 -20.23 3.98
C ILE B 91 12.81 -20.57 2.71
N ALA B 92 12.55 -19.57 1.87
CA ALA B 92 11.97 -19.83 0.54
C ALA B 92 13.07 -19.75 -0.50
N LEU B 93 12.95 -20.60 -1.52
CA LEU B 93 13.88 -20.70 -2.67
CA LEU B 93 13.87 -20.57 -2.68
C LEU B 93 13.08 -20.89 -3.95
N ASP B 94 13.57 -20.36 -5.04
CA ASP B 94 13.15 -20.81 -6.38
C ASP B 94 13.28 -22.33 -6.33
N ALA B 95 12.21 -23.06 -6.59
CA ALA B 95 12.27 -24.53 -6.64
C ALA B 95 11.83 -24.98 -8.02
N THR B 96 12.22 -24.21 -9.03
CA THR B 96 12.03 -24.58 -10.44
C THR B 96 13.02 -25.70 -10.83
N LEU B 97 12.87 -26.26 -12.02
CA LEU B 97 13.86 -27.21 -12.58
C LEU B 97 15.00 -26.43 -13.25
N GLN B 98 15.02 -25.11 -13.16
CA GLN B 98 16.03 -24.33 -13.87
C GLN B 98 17.42 -24.55 -13.26
N GLN B 99 18.44 -24.54 -14.11
CA GLN B 99 19.83 -24.71 -13.68
C GLN B 99 20.22 -23.50 -12.84
N ARG B 100 20.78 -23.80 -11.67
CA ARG B 100 21.18 -22.79 -10.68
C ARG B 100 22.63 -22.42 -10.92
N PRO B 101 23.13 -21.31 -10.35
CA PRO B 101 24.53 -20.92 -10.55
C PRO B 101 25.54 -21.88 -9.93
N LYS B 102 25.17 -22.55 -8.84
CA LYS B 102 26.13 -23.30 -8.02
C LYS B 102 25.53 -24.64 -7.64
N GLU B 103 25.09 -24.80 -6.40
CA GLU B 103 24.40 -26.02 -5.93
C GLU B 103 23.09 -26.22 -6.69
N THR B 104 22.72 -27.47 -6.89
CA THR B 104 21.38 -27.81 -7.44
C THR B 104 20.35 -27.57 -6.33
N LEU B 105 19.10 -27.48 -6.72
CA LEU B 105 17.98 -27.35 -5.76
C LEU B 105 18.12 -28.48 -4.76
N ASP B 106 18.30 -29.72 -5.25
CA ASP B 106 18.36 -30.93 -4.40
C ASP B 106 19.46 -30.78 -3.35
N GLU B 107 20.65 -30.35 -3.76
N GLU B 107 20.63 -30.32 -3.80
CA GLU B 107 21.77 -30.10 -2.81
CA GLU B 107 21.85 -30.04 -2.99
C GLU B 107 21.35 -29.04 -1.81
C GLU B 107 21.51 -29.00 -1.91
N LEU B 108 20.82 -27.92 -2.31
CA LEU B 108 20.47 -26.81 -1.39
C LEU B 108 19.49 -27.30 -0.32
N VAL B 109 18.53 -28.14 -0.71
CA VAL B 109 17.56 -28.67 0.27
C VAL B 109 18.33 -29.44 1.34
N SER B 110 19.21 -30.35 0.91
CA SER B 110 20.00 -31.17 1.87
CA SER B 110 20.05 -31.16 1.83
C SER B 110 20.83 -30.23 2.76
N TYR B 111 21.45 -29.22 2.19
CA TYR B 111 22.28 -28.21 2.90
C TYR B 111 21.45 -27.54 4.01
N ILE B 112 20.24 -27.10 3.69
CA ILE B 112 19.38 -26.45 4.70
C ILE B 112 18.99 -27.46 5.78
N ARG B 113 18.61 -28.69 5.42
CA ARG B 113 18.17 -29.66 6.46
C ARG B 113 19.37 -29.96 7.39
N THR B 114 20.57 -29.93 6.84
CA THR B 114 21.82 -30.22 7.58
C THR B 114 22.18 -29.01 8.45
N HIS B 115 22.39 -27.85 7.84
CA HIS B 115 22.91 -26.62 8.49
C HIS B 115 21.85 -25.87 9.33
N ALA B 116 20.54 -26.09 9.13
CA ALA B 116 19.48 -25.32 9.81
C ALA B 116 18.31 -26.24 10.05
N PRO B 117 18.49 -27.29 10.88
CA PRO B 117 17.48 -28.33 11.04
C PRO B 117 16.16 -27.80 11.60
N ASN B 118 16.17 -26.62 12.23
CA ASN B 118 14.93 -26.11 12.84
C ASN B 118 14.21 -25.14 11.88
N VAL B 119 14.71 -24.92 10.67
CA VAL B 119 14.07 -23.99 9.69
C VAL B 119 13.14 -24.79 8.79
N GLU B 120 11.94 -24.29 8.53
CA GLU B 120 11.08 -24.90 7.48
C GLU B 120 11.51 -24.33 6.14
N ILE B 121 11.16 -25.02 5.06
CA ILE B 121 11.53 -24.58 3.70
C ILE B 121 10.26 -24.44 2.85
N MET B 122 10.31 -23.47 1.98
CA MET B 122 9.21 -23.15 1.06
C MET B 122 9.76 -23.20 -0.37
N ALA B 123 9.04 -23.89 -1.23
CA ALA B 123 9.36 -24.06 -2.66
C ALA B 123 8.56 -23.02 -3.43
N ASP B 124 9.23 -22.03 -3.99
CA ASP B 124 8.62 -21.15 -5.01
C ASP B 124 8.62 -21.89 -6.35
N ILE B 125 7.45 -22.35 -6.81
CA ILE B 125 7.36 -23.13 -8.07
C ILE B 125 6.54 -22.38 -9.13
N ALA B 126 6.66 -22.84 -10.36
CA ALA B 126 5.97 -22.29 -11.54
C ALA B 126 4.97 -23.30 -12.14
N THR B 127 5.14 -24.60 -11.88
CA THR B 127 4.32 -25.68 -12.51
C THR B 127 3.93 -26.77 -11.55
N VAL B 128 2.93 -27.56 -11.94
CA VAL B 128 2.47 -28.70 -11.13
C VAL B 128 3.65 -29.66 -10.96
N GLU B 129 4.39 -29.89 -12.02
CA GLU B 129 5.49 -30.89 -11.95
C GLU B 129 6.56 -30.41 -10.97
N GLU B 130 6.83 -29.13 -10.90
CA GLU B 130 7.79 -28.58 -9.91
C GLU B 130 7.18 -28.69 -8.51
N ALA B 131 5.86 -28.51 -8.36
CA ALA B 131 5.21 -28.72 -7.06
C ALA B 131 5.42 -30.17 -6.62
N LYS B 132 5.19 -31.12 -7.52
CA LYS B 132 5.36 -32.55 -7.20
C LYS B 132 6.81 -32.84 -6.85
N ASN B 133 7.74 -32.27 -7.60
CA ASN B 133 9.20 -32.41 -7.32
C ASN B 133 9.51 -31.81 -5.94
N ALA B 134 8.91 -30.67 -5.59
CA ALA B 134 9.12 -30.06 -4.26
C ALA B 134 8.59 -31.00 -3.16
N ALA B 135 7.43 -31.63 -3.35
CA ALA B 135 6.90 -32.62 -2.37
C ALA B 135 7.90 -33.75 -2.24
N ARG B 136 8.44 -34.20 -3.38
CA ARG B 136 9.48 -35.26 -3.42
C ARG B 136 10.64 -34.85 -2.51
N LEU B 137 11.06 -33.59 -2.57
CA LEU B 137 12.25 -33.11 -1.84
C LEU B 137 11.91 -32.82 -0.37
N GLY B 138 10.63 -32.93 0.03
CA GLY B 138 10.19 -32.81 1.42
C GLY B 138 10.00 -31.34 1.83
N PHE B 139 9.67 -30.45 0.91
CA PHE B 139 9.41 -29.04 1.27
C PHE B 139 8.21 -28.97 2.22
N ASP B 140 8.26 -28.02 3.16
CA ASP B 140 7.20 -27.82 4.18
C ASP B 140 6.04 -27.06 3.55
N TYR B 141 6.35 -26.13 2.67
CA TYR B 141 5.37 -25.28 1.94
C TYR B 141 5.73 -25.31 0.46
N ILE B 142 4.71 -25.27 -0.36
CA ILE B 142 4.81 -25.15 -1.84
C ILE B 142 4.00 -23.92 -2.25
N GLY B 143 4.68 -22.88 -2.75
CA GLY B 143 3.99 -21.66 -3.18
C GLY B 143 3.98 -21.61 -4.70
N THR B 144 3.02 -20.87 -5.23
CA THR B 144 2.77 -20.71 -6.68
C THR B 144 3.49 -19.47 -7.20
N THR B 145 4.47 -18.98 -6.45
CA THR B 145 5.20 -17.69 -6.60
C THR B 145 5.69 -17.44 -8.03
N LEU B 146 6.22 -18.45 -8.71
CA LEU B 146 6.90 -18.25 -10.01
C LEU B 146 6.02 -18.67 -11.18
N HIS B 147 4.76 -19.00 -10.92
CA HIS B 147 3.80 -19.35 -11.99
C HIS B 147 3.52 -18.10 -12.83
N GLY B 148 3.91 -18.11 -14.09
CA GLY B 148 3.77 -16.95 -14.97
C GLY B 148 5.05 -16.17 -15.05
N TYR B 149 6.06 -16.53 -14.26
CA TYR B 149 7.30 -15.71 -14.10
C TYR B 149 8.50 -16.55 -14.52
N THR B 150 8.29 -17.59 -15.34
CA THR B 150 9.37 -18.35 -15.99
C THR B 150 9.13 -18.37 -17.51
N SER B 151 10.17 -18.67 -18.26
CA SER B 151 10.16 -18.73 -19.74
C SER B 151 9.20 -19.83 -20.20
N TYR B 152 8.90 -20.81 -19.35
CA TYR B 152 8.01 -21.93 -19.73
C TYR B 152 6.60 -21.75 -19.18
N THR B 153 6.30 -20.61 -18.57
CA THR B 153 4.91 -20.34 -18.08
C THR B 153 4.45 -18.97 -18.56
N GLN B 154 5.00 -18.47 -19.65
CA GLN B 154 4.63 -17.13 -20.16
C GLN B 154 3.13 -17.09 -20.47
N GLY B 155 2.49 -15.99 -20.09
CA GLY B 155 1.06 -15.72 -20.34
C GLY B 155 0.18 -16.29 -19.25
N GLN B 156 0.73 -17.07 -18.33
CA GLN B 156 -0.10 -17.71 -17.28
C GLN B 156 -0.08 -16.79 -16.07
N LEU B 157 -1.21 -16.73 -15.37
CA LEU B 157 -1.34 -15.97 -14.12
C LEU B 157 -2.21 -16.83 -13.19
N LEU B 158 -1.90 -16.78 -11.90
CA LEU B 158 -2.48 -17.67 -10.90
C LEU B 158 -3.99 -17.65 -11.03
N TYR B 159 -4.57 -16.47 -11.17
CA TYR B 159 -6.05 -16.31 -11.05
C TYR B 159 -6.76 -16.85 -12.29
N GLN B 160 -6.06 -17.15 -13.38
CA GLN B 160 -6.77 -17.46 -14.66
C GLN B 160 -7.62 -18.69 -14.53
N ASN B 161 -8.79 -18.66 -15.18
CA ASN B 161 -9.73 -19.80 -15.24
CA ASN B 161 -9.73 -19.81 -15.25
C ASN B 161 -10.07 -20.22 -13.82
N ASP B 162 -10.48 -19.24 -13.02
CA ASP B 162 -10.85 -19.43 -11.59
C ASP B 162 -9.76 -20.21 -10.87
N PHE B 163 -8.50 -19.79 -10.96
CA PHE B 163 -7.39 -20.34 -10.15
C PHE B 163 -7.18 -21.82 -10.47
N GLN B 164 -7.35 -22.21 -11.75
CA GLN B 164 -7.22 -23.64 -12.16
C GLN B 164 -5.82 -24.13 -11.77
N PHE B 165 -4.78 -23.31 -11.99
CA PHE B 165 -3.38 -23.70 -11.68
C PHE B 165 -3.27 -24.11 -10.20
N LEU B 166 -3.83 -23.28 -9.34
CA LEU B 166 -3.84 -23.51 -7.88
C LEU B 166 -4.61 -24.80 -7.56
N LYS B 167 -5.78 -24.96 -8.16
CA LYS B 167 -6.56 -26.20 -8.03
C LYS B 167 -5.70 -27.43 -8.39
N ASP B 168 -5.00 -27.38 -9.52
CA ASP B 168 -4.09 -28.46 -10.00
C ASP B 168 -2.95 -28.70 -9.01
N VAL B 169 -2.39 -27.63 -8.43
CA VAL B 169 -1.30 -27.78 -7.44
C VAL B 169 -1.88 -28.49 -6.23
N LEU B 170 -3.01 -28.02 -5.70
CA LEU B 170 -3.61 -28.56 -4.44
C LEU B 170 -3.96 -30.03 -4.64
N GLN B 171 -4.41 -30.40 -5.82
CA GLN B 171 -4.79 -31.79 -6.18
C GLN B 171 -3.50 -32.65 -6.22
N SER B 172 -2.36 -32.05 -6.51
CA SER B 172 -1.16 -32.82 -6.90
CA SER B 172 -1.10 -32.74 -6.91
C SER B 172 -0.26 -33.12 -5.69
N VAL B 173 -0.41 -32.41 -4.58
CA VAL B 173 0.54 -32.59 -3.46
C VAL B 173 -0.25 -32.60 -2.16
N ASP B 174 0.32 -33.23 -1.15
CA ASP B 174 -0.24 -33.24 0.22
C ASP B 174 0.34 -32.10 1.04
N ALA B 175 1.49 -31.54 0.67
CA ALA B 175 2.14 -30.48 1.46
C ALA B 175 1.22 -29.25 1.53
N LYS B 176 1.51 -28.40 2.50
CA LYS B 176 0.83 -27.10 2.67
C LYS B 176 1.14 -26.24 1.44
N VAL B 177 0.09 -25.80 0.75
CA VAL B 177 0.21 -24.96 -0.46
C VAL B 177 -0.03 -23.51 -0.04
N ILE B 178 0.79 -22.63 -0.59
CA ILE B 178 0.66 -21.18 -0.36
C ILE B 178 0.31 -20.52 -1.68
N ALA B 179 -0.79 -19.76 -1.70
CA ALA B 179 -1.17 -18.96 -2.88
C ALA B 179 -0.32 -17.70 -2.84
N GLU B 180 0.57 -17.57 -3.80
CA GLU B 180 1.49 -16.44 -3.92
C GLU B 180 1.63 -16.13 -5.40
N GLY B 181 1.57 -14.84 -5.73
CA GLY B 181 1.64 -14.41 -7.13
C GLY B 181 0.34 -13.84 -7.62
N ASN B 182 0.27 -12.52 -7.65
N ASN B 182 0.28 -12.52 -7.79
CA ASN B 182 -0.84 -11.80 -8.30
CA ASN B 182 -0.92 -11.81 -8.29
C ASN B 182 -2.08 -11.87 -7.43
C ASN B 182 -2.12 -12.27 -7.46
N VAL B 183 -1.96 -12.21 -6.13
CA VAL B 183 -3.14 -12.16 -5.23
C VAL B 183 -3.24 -10.69 -4.86
N ILE B 184 -4.10 -9.97 -5.60
N ILE B 184 -4.02 -9.89 -5.62
CA ILE B 184 -4.08 -8.48 -5.62
CA ILE B 184 -3.98 -8.41 -5.39
C ILE B 184 -5.31 -7.86 -4.94
C ILE B 184 -5.34 -7.82 -4.96
N THR B 185 -6.36 -8.63 -4.69
CA THR B 185 -7.60 -8.14 -4.03
C THR B 185 -8.03 -9.07 -2.90
N PRO B 186 -8.75 -8.52 -1.91
CA PRO B 186 -9.40 -9.34 -0.89
C PRO B 186 -10.24 -10.46 -1.50
N ASP B 187 -10.95 -10.17 -2.61
CA ASP B 187 -11.74 -11.20 -3.30
C ASP B 187 -10.86 -12.38 -3.73
N MET B 188 -9.67 -12.14 -4.26
CA MET B 188 -8.80 -13.22 -4.73
C MET B 188 -8.28 -13.98 -3.50
N TYR B 189 -7.97 -13.26 -2.42
CA TYR B 189 -7.49 -13.88 -1.17
C TYR B 189 -8.56 -14.84 -0.62
N LYS B 190 -9.78 -14.34 -0.53
CA LYS B 190 -10.92 -15.20 -0.13
C LYS B 190 -10.97 -16.44 -1.01
N ARG B 191 -10.95 -16.26 -2.33
CA ARG B 191 -11.10 -17.39 -3.25
C ARG B 191 -10.03 -18.46 -3.01
N VAL B 192 -8.76 -18.08 -2.93
CA VAL B 192 -7.66 -19.08 -2.77
C VAL B 192 -7.77 -19.72 -1.40
N MET B 193 -8.14 -18.97 -0.38
CA MET B 193 -8.37 -19.58 0.94
C MET B 193 -9.54 -20.58 0.84
N ASP B 194 -10.64 -20.20 0.20
CA ASP B 194 -11.80 -21.12 0.10
C ASP B 194 -11.38 -22.36 -0.68
N LEU B 195 -10.42 -22.27 -1.61
CA LEU B 195 -9.99 -23.46 -2.38
C LEU B 195 -9.08 -24.39 -1.55
N GLY B 196 -8.64 -23.99 -0.37
CA GLY B 196 -7.94 -24.92 0.53
C GLY B 196 -6.45 -24.65 0.66
N VAL B 197 -5.93 -23.47 0.26
CA VAL B 197 -4.48 -23.20 0.49
C VAL B 197 -4.31 -23.06 2.00
N HIS B 198 -3.11 -23.32 2.49
CA HIS B 198 -2.77 -23.19 3.93
C HIS B 198 -2.79 -21.70 4.30
N CYS B 199 -2.14 -20.92 3.46
CA CYS B 199 -2.09 -19.46 3.63
C CYS B 199 -1.82 -18.82 2.30
N SER B 200 -1.91 -17.51 2.26
CA SER B 200 -1.66 -16.75 1.02
CA SER B 200 -1.71 -16.71 1.04
C SER B 200 -0.68 -15.61 1.31
N VAL B 201 0.14 -15.32 0.33
CA VAL B 201 1.12 -14.23 0.41
C VAL B 201 0.58 -13.13 -0.47
N VAL B 202 0.44 -11.96 0.12
CA VAL B 202 0.06 -10.73 -0.61
C VAL B 202 1.19 -9.75 -0.40
N GLY B 203 1.71 -9.22 -1.50
CA GLY B 203 2.84 -8.29 -1.44
C GLY B 203 2.42 -6.93 -1.94
N GLY B 204 2.49 -6.76 -3.24
CA GLY B 204 2.35 -5.42 -3.84
C GLY B 204 1.03 -4.75 -3.53
N ALA B 205 -0.05 -5.51 -3.39
CA ALA B 205 -1.37 -4.96 -3.08
C ALA B 205 -1.36 -4.24 -1.73
N ILE B 206 -0.43 -4.58 -0.86
CA ILE B 206 -0.33 -3.96 0.49
C ILE B 206 0.89 -3.05 0.60
N THR B 207 2.05 -3.47 0.10
CA THR B 207 3.34 -2.85 0.44
C THR B 207 4.02 -2.17 -0.74
N ARG B 208 3.40 -2.14 -1.91
CA ARG B 208 3.97 -1.41 -3.09
C ARG B 208 3.01 -0.31 -3.53
N PRO B 209 3.06 0.87 -2.89
CA PRO B 209 2.17 1.96 -3.24
C PRO B 209 2.26 2.30 -4.74
N LYS B 210 3.43 2.13 -5.36
CA LYS B 210 3.56 2.38 -6.82
C LYS B 210 2.60 1.45 -7.56
N GLU B 211 2.60 0.18 -7.20
CA GLU B 211 1.77 -0.84 -7.90
CA GLU B 211 1.77 -0.81 -7.94
C GLU B 211 0.30 -0.54 -7.63
N ILE B 212 -0.02 -0.18 -6.40
CA ILE B 212 -1.45 0.10 -6.08
C ILE B 212 -1.86 1.36 -6.86
N THR B 213 -1.00 2.40 -6.86
CA THR B 213 -1.30 3.64 -7.61
C THR B 213 -1.59 3.28 -9.08
N LYS B 214 -0.76 2.46 -9.70
CA LYS B 214 -0.92 2.06 -11.13
C LYS B 214 -2.30 1.46 -11.36
N ARG B 215 -2.81 0.61 -10.47
CA ARG B 215 -4.13 -0.02 -10.65
CA ARG B 215 -4.15 -0.02 -10.59
C ARG B 215 -5.24 1.05 -10.56
N PHE B 216 -5.10 2.03 -9.68
CA PHE B 216 -6.07 3.15 -9.61
C PHE B 216 -6.01 3.91 -10.94
N VAL B 217 -4.83 4.35 -11.36
CA VAL B 217 -4.67 5.13 -12.63
C VAL B 217 -5.25 4.29 -13.76
N GLN B 218 -4.98 2.99 -13.78
CA GLN B 218 -5.27 2.14 -14.96
C GLN B 218 -6.79 2.11 -15.22
N ILE B 219 -7.60 2.19 -14.18
N ILE B 219 -7.58 2.18 -14.15
CA ILE B 219 -9.07 2.04 -14.39
CA ILE B 219 -9.06 2.12 -14.26
C ILE B 219 -9.58 3.27 -15.15
C ILE B 219 -9.53 3.24 -15.17
N MET B 220 -8.81 4.38 -15.21
CA MET B 220 -9.19 5.58 -15.97
C MET B 220 -8.64 5.49 -17.40
N GLU B 221 -7.83 4.47 -17.71
CA GLU B 221 -7.09 4.40 -19.00
C GLU B 221 -7.65 3.28 -19.89
N ASP B 222 -8.33 2.29 -19.31
CA ASP B 222 -9.02 1.21 -20.07
C ASP B 222 -9.94 1.83 -21.11
C10 ZM1 C . -7.81 10.32 2.10
C01 ZM1 C . -10.90 13.24 8.16
C02 ZM1 C . -9.41 13.31 7.87
N03 ZM1 C . -9.01 12.93 6.55
C04 ZM1 C . -7.60 12.94 6.21
C05 ZM1 C . -7.25 11.72 5.32
O06 ZM1 C . -8.22 10.70 5.56
C07 ZM1 C . -7.23 12.07 3.82
O08 ZM1 C . -8.49 12.54 3.39
C09 ZM1 C . -6.77 10.82 3.07
O11 ZM1 C . -8.73 9.63 2.88
P12 ZM1 C . -8.66 8.00 2.78
O13 ZM1 C . -8.44 7.70 1.29
O14 ZM1 C . -7.55 7.47 3.70
O15 ZM1 C . -10.04 7.50 3.24
C16 ZM1 C . -7.24 14.31 5.62
O17 ZM1 C . -6.19 14.57 5.15
O18 ZM1 C . -8.59 13.63 8.68
C1 CIT D . -6.56 13.64 4.95
O1 CIT D . -7.04 13.29 6.05
O2 CIT D . -6.19 14.80 4.70
C2 CIT D . -6.35 12.59 3.87
C3 CIT D . -7.36 11.45 3.86
O7 CIT D . -8.67 12.01 3.92
C4 CIT D . -7.22 10.64 2.57
C5 CIT D . -7.35 9.14 2.79
O3 CIT D . -6.76 8.65 3.77
O4 CIT D . -8.04 8.48 1.99
C6 CIT D . -7.10 10.50 5.05
O5 CIT D . -8.04 9.76 5.42
O6 CIT D . -5.95 10.52 5.54
CL CL E . -0.37 1.97 7.93
C10 ZM1 F . 3.72 -11.88 -4.04
C01 ZM1 F . 8.19 -13.76 -9.24
C02 ZM1 F . 8.58 -12.97 -8.02
N03 ZM1 F . 7.65 -12.94 -6.88
C04 ZM1 F . 7.97 -12.16 -5.68
C05 ZM1 F . 6.73 -11.41 -5.18
O06 ZM1 F . 5.75 -11.29 -6.19
C07 ZM1 F . 6.16 -12.20 -4.01
O08 ZM1 F . 5.68 -13.44 -4.48
C09 ZM1 F . 5.01 -11.40 -3.40
O11 ZM1 F . 3.56 -11.21 -5.26
P12 ZM1 F . 2.53 -9.94 -5.17
O13 ZM1 F . 3.43 -8.71 -4.94
O14 ZM1 F . 1.53 -10.17 -4.06
O15 ZM1 F . 1.72 -9.89 -6.45
C16 ZM1 F . 8.53 -13.07 -4.57
O17 ZM1 F . 8.91 -12.65 -3.52
O18 ZM1 F . 9.61 -12.38 -8.05
C1 CIT G . 8.32 -12.47 -3.77
O1 CIT G . 9.06 -13.08 -3.02
O2 CIT G . 8.58 -12.23 -4.96
C2 CIT G . 7.04 -11.87 -3.15
C3 CIT G . 5.91 -11.56 -4.13
O7 CIT G . 5.57 -12.76 -4.85
C4 CIT G . 4.66 -11.11 -3.36
C5 CIT G . 3.53 -10.70 -4.27
O3 CIT G . 2.96 -11.63 -4.90
O4 CIT G . 3.32 -9.47 -4.44
C6 CIT G . 6.34 -10.40 -5.09
O5 CIT G . 7.07 -9.51 -4.63
O6 CIT G . 5.91 -10.44 -6.27
CL CL H . 6.20 0.92 -4.41
#